data_2WZN
#
_entry.id   2WZN
#
_cell.length_a   132.241
_cell.length_b   132.241
_cell.length_c   132.241
_cell.angle_alpha   90.00
_cell.angle_beta   90.00
_cell.angle_gamma   90.00
#
_symmetry.space_group_name_H-M   'I 2 3'
#
loop_
_entity.id
_entity.type
_entity.pdbx_description
1 polymer '354AA LONG HYPOTHETICAL OPERON PROTEIN FRV'
2 non-polymer GLYCEROL
3 non-polymer 'ZINC ION'
4 non-polymer 'CHLORIDE ION'
5 water water
#
_entity_poly.entity_id   1
_entity_poly.type   'polypeptide(L)'
_entity_poly.pdbx_seq_one_letter_code
;MDLKGGESMVDWKLMQEIIEAPGVSGYEHLGIRDIVVDVLKEVADEVKVDKLGNVIAHFKGSSPRIMVAAHMDKIGVMVN
HIDKDGYLHIVPIGGVLPETLVAQRIRFFTEKGERYGVVGVLPPHLRRGQEDKGSKIDWDQIVVDVGASSKEEAEEMGFR
VGTVGEFAPNFTRLNEHRFATPYLDDRICLYAMIEAARQLGDHEADIYIVGSVQEEVGLRGARVASYAINPEVGIAMDVT
FAKQPHDKGKIVPELGKGPVMDVGPNINPKLRAFADEVAKKYEIPLQVEPSPRPTGTDANVMQINKEGVATAVLSIPIRY
MHSQVELADARDVDNTIKLAKALLEELKPMDFTP
;
_entity_poly.pdbx_strand_id   A
#
loop_
_chem_comp.id
_chem_comp.type
_chem_comp.name
_chem_comp.formula
CL non-polymer 'CHLORIDE ION' 'Cl -1'
GOL non-polymer GLYCEROL 'C3 H8 O3'
ZN non-polymer 'ZINC ION' 'Zn 2'
#
# COMPACT_ATOMS: atom_id res chain seq x y z
N SER A 8 -12.98 8.65 -12.84
CA SER A 8 -11.83 8.83 -11.95
C SER A 8 -12.21 9.63 -10.71
N MET A 9 -11.84 10.91 -10.72
CA MET A 9 -12.19 11.88 -9.69
C MET A 9 -12.02 11.39 -8.24
N VAL A 10 -11.26 12.17 -7.47
CA VAL A 10 -10.92 11.79 -6.11
C VAL A 10 -12.04 12.03 -5.10
N ASP A 11 -12.43 10.98 -4.39
CA ASP A 11 -13.42 11.06 -3.33
C ASP A 11 -12.62 11.18 -2.03
N TRP A 12 -12.46 12.41 -1.54
CA TRP A 12 -11.55 12.64 -0.41
C TRP A 12 -11.96 11.87 0.85
N LYS A 13 -13.27 11.70 1.04
CA LYS A 13 -13.77 11.05 2.25
C LYS A 13 -13.46 9.55 2.22
N LEU A 14 -13.78 8.90 1.09
CA LEU A 14 -13.49 7.48 0.94
C LEU A 14 -11.98 7.23 0.97
N MET A 15 -11.23 8.11 0.31
CA MET A 15 -9.79 7.95 0.28
C MET A 15 -9.20 8.00 1.70
N GLN A 16 -9.64 8.97 2.50
CA GLN A 16 -9.15 9.04 3.86
C GLN A 16 -9.57 7.82 4.69
N GLU A 17 -10.80 7.35 4.51
CA GLU A 17 -11.26 6.17 5.23
C GLU A 17 -10.39 4.95 4.91
N ILE A 18 -10.04 4.81 3.63
CA ILE A 18 -9.19 3.71 3.18
CA ILE A 18 -9.21 3.69 3.22
C ILE A 18 -7.78 3.82 3.76
N ILE A 19 -7.26 5.04 3.80
CA ILE A 19 -5.93 5.27 4.38
C ILE A 19 -5.89 4.95 5.86
N GLU A 20 -6.93 5.36 6.59
CA GLU A 20 -6.87 5.29 8.05
C GLU A 20 -7.35 3.97 8.66
N ALA A 21 -7.96 3.11 7.86
CA ALA A 21 -8.44 1.83 8.38
C ALA A 21 -7.27 1.00 8.94
N PRO A 22 -7.46 0.39 10.11
CA PRO A 22 -6.38 -0.42 10.68
C PRO A 22 -5.94 -1.56 9.77
N GLY A 23 -4.65 -1.88 9.80
CA GLY A 23 -4.18 -3.08 9.14
C GLY A 23 -2.70 -3.13 8.84
N VAL A 24 -1.88 -3.43 9.84
CA VAL A 24 -0.48 -3.72 9.57
C VAL A 24 -0.30 -5.14 9.01
N SER A 25 0.88 -5.40 8.45
CA SER A 25 1.15 -6.70 7.84
C SER A 25 0.77 -7.83 8.79
N GLY A 26 -0.08 -8.75 8.31
CA GLY A 26 -0.49 -9.89 9.10
C GLY A 26 -1.72 -9.61 9.92
N TYR A 27 -2.14 -8.36 9.96
CA TYR A 27 -3.31 -7.97 10.74
C TYR A 27 -4.26 -7.12 9.93
N GLU A 28 -4.34 -7.40 8.63
CA GLU A 28 -5.21 -6.62 7.76
C GLU A 28 -6.67 -6.87 8.08
N HIS A 29 -6.95 -7.92 8.84
CA HIS A 29 -8.31 -8.23 9.24
C HIS A 29 -8.84 -7.28 10.32
N LEU A 30 -7.96 -6.43 10.85
CA LEU A 30 -8.37 -5.48 11.89
C LEU A 30 -9.23 -4.31 11.37
N GLY A 31 -9.29 -4.13 10.07
CA GLY A 31 -10.19 -3.11 9.53
C GLY A 31 -10.23 -2.97 8.03
N ILE A 32 -9.07 -2.86 7.41
CA ILE A 32 -9.03 -2.58 5.97
C ILE A 32 -9.70 -3.69 5.16
N ARG A 33 -9.49 -4.93 5.54
CA ARG A 33 -10.05 -6.04 4.77
C ARG A 33 -11.56 -5.93 4.57
N ASP A 34 -12.30 -5.64 5.64
CA ASP A 34 -13.76 -5.57 5.53
C ASP A 34 -14.20 -4.42 4.63
N ILE A 35 -13.43 -3.35 4.63
CA ILE A 35 -13.77 -2.21 3.80
C ILE A 35 -13.59 -2.58 2.32
N VAL A 36 -12.47 -3.22 2.01
CA VAL A 36 -12.18 -3.63 0.65
C VAL A 36 -13.24 -4.63 0.16
N VAL A 37 -13.57 -5.61 1.00
CA VAL A 37 -14.60 -6.58 0.62
C VAL A 37 -15.93 -5.88 0.35
N ASP A 38 -16.36 -5.02 1.27
CA ASP A 38 -17.65 -4.33 1.14
C ASP A 38 -17.74 -3.47 -0.12
N VAL A 39 -16.71 -2.69 -0.40
CA VAL A 39 -16.77 -1.86 -1.59
C VAL A 39 -16.73 -2.69 -2.87
N LEU A 40 -15.88 -3.72 -2.92
CA LEU A 40 -15.79 -4.55 -4.12
C LEU A 40 -17.00 -5.49 -4.32
N LYS A 41 -17.63 -5.93 -3.24
CA LYS A 41 -18.77 -6.84 -3.35
C LYS A 41 -19.90 -6.17 -4.15
N GLU A 42 -19.93 -4.84 -4.15
CA GLU A 42 -20.99 -4.10 -4.83
C GLU A 42 -20.85 -4.13 -6.35
N VAL A 43 -19.63 -4.36 -6.83
CA VAL A 43 -19.35 -4.28 -8.27
C VAL A 43 -18.79 -5.57 -8.87
N ALA A 44 -18.17 -6.40 -8.05
CA ALA A 44 -17.56 -7.64 -8.52
C ALA A 44 -18.58 -8.76 -8.64
N ASP A 45 -18.29 -9.73 -9.49
CA ASP A 45 -19.16 -10.91 -9.60
C ASP A 45 -19.02 -11.79 -8.36
N GLU A 46 -17.85 -11.77 -7.76
CA GLU A 46 -17.59 -12.63 -6.62
C GLU A 46 -16.40 -12.06 -5.86
N VAL A 47 -16.48 -12.07 -4.53
CA VAL A 47 -15.36 -11.64 -3.70
C VAL A 47 -15.11 -12.70 -2.64
N LYS A 48 -13.85 -13.07 -2.47
CA LYS A 48 -13.51 -14.09 -1.49
C LYS A 48 -12.26 -13.65 -0.74
N VAL A 49 -12.06 -14.20 0.44
CA VAL A 49 -10.86 -13.94 1.22
C VAL A 49 -10.14 -15.26 1.41
N ASP A 50 -8.84 -15.32 1.12
CA ASP A 50 -8.12 -16.58 1.24
C ASP A 50 -7.51 -16.76 2.62
N LYS A 51 -6.73 -17.82 2.81
CA LYS A 51 -6.22 -18.19 4.13
C LYS A 51 -5.18 -17.23 4.69
N LEU A 52 -4.54 -16.46 3.82
CA LEU A 52 -3.60 -15.46 4.32
C LEU A 52 -4.31 -14.14 4.54
N GLY A 53 -5.53 -14.03 4.04
CA GLY A 53 -6.30 -12.81 4.22
C GLY A 53 -6.41 -11.92 2.99
N ASN A 54 -5.87 -12.38 1.85
CA ASN A 54 -6.01 -11.62 0.61
C ASN A 54 -7.48 -11.46 0.25
N VAL A 55 -7.86 -10.28 -0.22
CA VAL A 55 -9.19 -10.11 -0.79
C VAL A 55 -9.09 -10.30 -2.28
N ILE A 56 -9.84 -11.24 -2.83
CA ILE A 56 -9.79 -11.52 -4.25
C ILE A 56 -11.15 -11.31 -4.87
N ALA A 57 -11.29 -10.27 -5.67
CA ALA A 57 -12.56 -9.94 -6.30
C ALA A 57 -12.50 -10.24 -7.79
N HIS A 58 -13.46 -11.03 -8.26
CA HIS A 58 -13.50 -11.47 -9.66
C HIS A 58 -14.51 -10.66 -10.46
N PHE A 59 -14.03 -9.99 -11.51
CA PHE A 59 -14.88 -9.33 -12.50
C PHE A 59 -14.81 -10.16 -13.76
N LYS A 60 -15.81 -11.01 -13.97
CA LYS A 60 -15.74 -12.02 -15.02
C LYS A 60 -15.59 -11.44 -16.41
N GLY A 61 -14.66 -12.01 -17.17
CA GLY A 61 -14.47 -11.64 -18.56
C GLY A 61 -13.95 -12.83 -19.35
N SER A 62 -13.40 -12.53 -20.52
CA SER A 62 -12.98 -13.59 -21.43
C SER A 62 -11.49 -13.87 -21.34
N SER A 63 -10.67 -12.91 -21.76
CA SER A 63 -9.26 -13.15 -21.96
C SER A 63 -8.61 -11.82 -22.31
N PRO A 64 -7.35 -11.61 -21.88
CA PRO A 64 -6.56 -12.51 -21.03
C PRO A 64 -6.98 -12.43 -19.57
N ARG A 65 -6.56 -13.39 -18.75
CA ARG A 65 -6.79 -13.30 -17.32
C ARG A 65 -5.77 -12.38 -16.68
N ILE A 66 -6.25 -11.30 -16.07
CA ILE A 66 -5.35 -10.35 -15.42
C ILE A 66 -5.61 -10.23 -13.92
N MET A 67 -4.52 -10.15 -13.17
CA MET A 67 -4.59 -9.88 -11.75
C MET A 67 -4.00 -8.50 -11.49
N VAL A 68 -4.76 -7.65 -10.80
CA VAL A 68 -4.25 -6.35 -10.39
C VAL A 68 -4.19 -6.40 -8.87
N ALA A 69 -3.06 -6.02 -8.29
CA ALA A 69 -2.87 -6.10 -6.84
C ALA A 69 -2.37 -4.80 -6.25
N ALA A 70 -3.01 -4.36 -5.17
CA ALA A 70 -2.55 -3.25 -4.36
C ALA A 70 -2.53 -3.79 -2.94
N HIS A 71 -1.53 -3.45 -2.13
CA HIS A 71 -1.49 -4.11 -0.83
C HIS A 71 -2.24 -3.40 0.28
N MET A 72 -2.91 -4.18 1.12
CA MET A 72 -3.70 -3.62 2.21
C MET A 72 -2.86 -3.34 3.45
N ASP A 73 -1.72 -4.01 3.57
CA ASP A 73 -0.95 -3.86 4.82
C ASP A 73 -0.13 -2.57 4.93
N LYS A 74 -0.03 -2.10 6.17
CA LYS A 74 0.81 -0.96 6.53
C LYS A 74 2.03 -1.50 7.25
N ILE A 75 3.15 -0.78 7.15
CA ILE A 75 4.23 -1.01 8.09
C ILE A 75 3.78 -0.56 9.48
N GLY A 76 4.41 -1.10 10.52
CA GLY A 76 4.00 -0.80 11.88
C GLY A 76 4.99 -1.33 12.91
N VAL A 77 4.51 -1.54 14.12
CA VAL A 77 5.40 -2.01 15.19
C VAL A 77 4.68 -3.06 16.00
N MET A 78 5.46 -3.79 16.79
CA MET A 78 4.91 -4.82 17.65
C MET A 78 5.56 -4.68 19.00
N VAL A 79 4.80 -4.91 20.05
CA VAL A 79 5.33 -4.93 21.41
C VAL A 79 6.12 -6.20 21.66
N ASN A 80 7.40 -6.04 21.98
CA ASN A 80 8.27 -7.16 22.31
C ASN A 80 8.08 -7.54 23.76
N HIS A 81 8.15 -6.55 24.64
CA HIS A 81 7.88 -6.79 26.05
C HIS A 81 7.50 -5.50 26.75
N ILE A 82 6.92 -5.65 27.94
CA ILE A 82 6.52 -4.53 28.77
C ILE A 82 7.42 -4.56 29.99
N ASP A 83 8.00 -3.42 30.36
CA ASP A 83 8.94 -3.45 31.47
C ASP A 83 8.26 -3.15 32.80
N LYS A 84 9.03 -3.23 33.88
CA LYS A 84 8.43 -3.17 35.20
C LYS A 84 7.75 -1.83 35.48
N ASP A 85 8.16 -0.80 34.76
CA ASP A 85 7.57 0.53 34.95
C ASP A 85 6.45 0.81 33.94
N GLY A 86 6.08 -0.20 33.17
CA GLY A 86 4.91 -0.10 32.32
C GLY A 86 5.18 0.50 30.94
N TYR A 87 6.45 0.67 30.61
CA TYR A 87 6.82 1.10 29.27
C TYR A 87 6.84 -0.07 28.29
N LEU A 88 6.54 0.21 27.02
CA LEU A 88 6.56 -0.82 26.02
C LEU A 88 7.87 -0.77 25.25
N HIS A 89 8.41 -1.94 24.94
CA HIS A 89 9.56 -2.00 24.07
C HIS A 89 9.10 -2.64 22.79
N ILE A 90 9.37 -1.98 21.66
CA ILE A 90 8.74 -2.36 20.42
C ILE A 90 9.78 -2.75 19.37
N VAL A 91 9.33 -3.48 18.36
CA VAL A 91 10.14 -3.89 17.24
C VAL A 91 9.33 -3.57 15.99
N PRO A 92 9.99 -3.35 14.85
CA PRO A 92 9.26 -2.96 13.64
C PRO A 92 8.61 -4.14 12.93
N ILE A 93 7.48 -3.85 12.29
CA ILE A 93 6.88 -4.74 11.30
C ILE A 93 7.07 -4.05 9.96
N GLY A 94 7.90 -4.62 9.11
CA GLY A 94 8.25 -3.93 7.87
C GLY A 94 9.21 -2.78 8.10
N GLY A 95 9.37 -1.92 7.10
CA GLY A 95 10.46 -0.95 7.09
C GLY A 95 10.26 0.31 7.90
N VAL A 96 9.82 0.18 9.15
CA VAL A 96 9.75 1.34 10.02
C VAL A 96 11.14 1.64 10.55
N LEU A 97 11.59 2.88 10.37
CA LEU A 97 12.90 3.30 10.87
C LEU A 97 12.80 4.04 12.20
N PRO A 98 13.72 3.75 13.13
CA PRO A 98 13.68 4.32 14.48
C PRO A 98 13.67 5.84 14.47
N GLU A 99 14.29 6.46 13.48
CA GLU A 99 14.31 7.93 13.39
C GLU A 99 12.94 8.56 13.27
N THR A 100 12.01 7.87 12.62
CA THR A 100 10.66 8.42 12.46
C THR A 100 9.81 8.18 13.68
N LEU A 101 10.35 7.55 14.71
CA LEU A 101 9.53 7.25 15.88
C LEU A 101 9.68 8.26 17.02
N VAL A 102 10.73 9.07 16.95
CA VAL A 102 11.05 10.02 18.01
C VAL A 102 9.96 11.07 18.19
N ALA A 103 9.45 11.18 19.42
CA ALA A 103 8.39 12.13 19.75
C ALA A 103 7.17 11.98 18.85
N GLN A 104 6.80 10.73 18.59
CA GLN A 104 5.62 10.42 17.78
C GLN A 104 4.57 9.62 18.56
N ARG A 105 3.33 9.67 18.08
N ARG A 105 3.33 9.68 18.07
CA ARG A 105 2.25 8.91 18.69
CA ARG A 105 2.23 8.92 18.66
C ARG A 105 2.05 7.62 17.90
C ARG A 105 2.07 7.62 17.89
N ILE A 106 1.77 6.54 18.61
CA ILE A 106 1.51 5.25 17.99
C ILE A 106 0.14 4.78 18.43
N ARG A 107 -0.63 4.29 17.46
CA ARG A 107 -1.98 3.79 17.69
C ARG A 107 -1.90 2.27 17.84
N PHE A 108 -2.16 1.76 19.04
CA PHE A 108 -2.07 0.32 19.31
C PHE A 108 -3.43 -0.36 19.33
N PHE A 109 -3.43 -1.61 18.91
CA PHE A 109 -4.65 -2.40 18.86
C PHE A 109 -4.66 -3.41 20.00
N THR A 110 -5.24 -2.98 21.12
CA THR A 110 -5.11 -3.72 22.36
C THR A 110 -6.36 -4.53 22.58
N GLU A 111 -6.37 -5.30 23.67
CA GLU A 111 -7.52 -6.10 24.02
C GLU A 111 -8.68 -5.21 24.45
N LYS A 112 -8.38 -3.96 24.76
CA LYS A 112 -9.39 -3.00 25.20
C LYS A 112 -9.57 -1.88 24.19
N GLY A 113 -9.54 -2.22 22.90
CA GLY A 113 -9.75 -1.23 21.84
C GLY A 113 -8.47 -0.54 21.42
N GLU A 114 -8.61 0.54 20.66
CA GLU A 114 -7.43 1.29 20.22
C GLU A 114 -6.94 2.22 21.33
N ARG A 115 -5.63 2.19 21.58
CA ARG A 115 -5.04 2.97 22.66
C ARG A 115 -3.76 3.55 22.15
N TYR A 116 -3.42 4.75 22.62
CA TYR A 116 -2.23 5.43 22.12
C TYR A 116 -1.05 5.31 23.07
N GLY A 117 0.15 5.42 22.50
CA GLY A 117 1.35 5.55 23.29
C GLY A 117 2.22 6.57 22.60
N VAL A 118 3.21 7.08 23.32
CA VAL A 118 4.15 8.00 22.74
C VAL A 118 5.56 7.51 22.91
N VAL A 119 6.37 7.81 21.91
CA VAL A 119 7.78 7.51 21.97
C VAL A 119 8.48 8.76 22.43
N GLY A 120 9.10 8.66 23.60
CA GLY A 120 9.66 9.81 24.26
C GLY A 120 11.05 10.14 23.79
N VAL A 121 11.54 11.28 24.26
CA VAL A 121 12.86 11.74 23.93
C VAL A 121 13.54 12.05 25.24
N LEU A 122 14.85 11.92 25.26
CA LEU A 122 15.63 12.24 26.45
C LEU A 122 16.13 13.67 26.32
N PRO A 123 15.79 14.53 27.29
CA PRO A 123 16.32 15.90 27.31
C PRO A 123 17.84 15.89 27.13
N PRO A 124 18.38 16.87 26.39
CA PRO A 124 19.79 16.95 26.01
C PRO A 124 20.79 16.78 27.15
N HIS A 125 20.43 17.21 28.36
CA HIS A 125 21.38 17.25 29.47
C HIS A 125 21.56 15.89 30.16
N LEU A 126 20.98 14.85 29.59
CA LEU A 126 21.08 13.51 30.17
C LEU A 126 21.72 12.52 29.19
N ARG A 127 22.12 13.03 28.02
CA ARG A 127 22.73 12.20 26.99
C ARG A 127 24.22 12.04 27.23
N ILE A 137 18.10 6.81 17.42
CA ILE A 137 18.77 6.34 16.22
C ILE A 137 18.82 4.81 16.19
N ASP A 138 18.68 4.18 17.36
CA ASP A 138 18.64 2.72 17.46
C ASP A 138 17.41 2.25 18.23
N TRP A 139 17.01 1.01 18.00
CA TRP A 139 15.79 0.47 18.61
C TRP A 139 15.81 0.43 20.13
N ASP A 140 17.01 0.31 20.72
CA ASP A 140 17.13 0.27 22.18
C ASP A 140 16.83 1.61 22.85
N GLN A 141 16.96 2.70 22.09
CA GLN A 141 16.62 4.02 22.58
C GLN A 141 15.12 4.30 22.48
N ILE A 142 14.40 3.41 21.80
CA ILE A 142 12.97 3.58 21.60
C ILE A 142 12.17 2.92 22.72
N VAL A 143 11.44 3.72 23.48
CA VAL A 143 10.63 3.20 24.57
C VAL A 143 9.28 3.90 24.51
N VAL A 144 8.21 3.14 24.56
CA VAL A 144 6.87 3.71 24.42
C VAL A 144 6.21 3.92 25.78
N ASP A 145 5.72 5.14 26.01
CA ASP A 145 5.01 5.49 27.23
C ASP A 145 3.51 5.41 26.94
N VAL A 146 2.77 4.62 27.71
CA VAL A 146 1.33 4.51 27.50
C VAL A 146 0.52 5.06 28.67
N GLY A 147 1.20 5.76 29.58
CA GLY A 147 0.54 6.35 30.72
C GLY A 147 0.45 5.39 31.89
N ALA A 148 1.07 4.23 31.76
CA ALA A 148 1.03 3.22 32.82
C ALA A 148 2.15 3.44 33.82
N SER A 149 2.01 2.89 35.04
CA SER A 149 3.03 3.06 36.07
C SER A 149 3.71 1.74 36.46
N SER A 150 3.25 0.64 35.88
CA SER A 150 3.79 -0.68 36.19
C SER A 150 3.46 -1.65 35.07
N LYS A 151 4.12 -2.80 35.04
CA LYS A 151 3.83 -3.77 34.01
C LYS A 151 2.38 -4.22 34.12
N GLU A 152 1.93 -4.46 35.34
CA GLU A 152 0.55 -4.90 35.59
C GLU A 152 -0.49 -3.91 35.08
N GLU A 153 -0.23 -2.63 35.29
CA GLU A 153 -1.14 -1.61 34.75
C GLU A 153 -1.19 -1.56 33.23
N ALA A 154 -0.03 -1.66 32.58
CA ALA A 154 -0.02 -1.66 31.12
C ALA A 154 -0.80 -2.85 30.60
N GLU A 155 -0.68 -3.98 31.29
CA GLU A 155 -1.40 -5.19 30.91
C GLU A 155 -2.91 -5.07 31.12
N GLU A 156 -3.30 -4.47 32.24
CA GLU A 156 -4.71 -4.18 32.48
C GLU A 156 -5.29 -3.24 31.42
N MET A 157 -4.46 -2.34 30.91
CA MET A 157 -4.89 -1.43 29.85
C MET A 157 -5.08 -2.13 28.52
N GLY A 158 -4.60 -3.37 28.42
CA GLY A 158 -4.81 -4.18 27.24
C GLY A 158 -3.57 -4.50 26.43
N PHE A 159 -2.41 -3.99 26.86
CA PHE A 159 -1.18 -4.22 26.12
C PHE A 159 -0.61 -5.60 26.44
N ARG A 160 -0.04 -6.25 25.43
CA ARG A 160 0.45 -7.62 25.57
C ARG A 160 1.71 -7.73 24.77
N VAL A 161 2.53 -8.73 25.09
CA VAL A 161 3.52 -9.18 24.12
C VAL A 161 2.78 -9.49 22.84
N GLY A 162 3.19 -8.89 21.73
CA GLY A 162 2.54 -9.18 20.46
C GLY A 162 1.51 -8.16 20.03
N THR A 163 1.16 -7.22 20.91
CA THR A 163 0.28 -6.12 20.51
C THR A 163 0.88 -5.34 19.35
N VAL A 164 0.10 -5.07 18.32
CA VAL A 164 0.64 -4.31 17.19
C VAL A 164 0.16 -2.87 17.21
N GLY A 165 0.93 -2.01 16.57
CA GLY A 165 0.61 -0.60 16.50
C GLY A 165 0.99 0.03 15.16
N GLU A 166 0.42 1.20 14.89
CA GLU A 166 0.62 1.91 13.63
C GLU A 166 0.99 3.35 13.94
N PHE A 167 1.62 4.04 12.98
CA PHE A 167 1.71 5.49 13.06
C PHE A 167 0.30 6.02 13.30
N ALA A 168 0.17 6.98 14.21
CA ALA A 168 -1.12 7.59 14.45
C ALA A 168 -1.61 8.36 13.21
N PRO A 169 -2.91 8.28 12.93
CA PRO A 169 -3.45 9.02 11.78
C PRO A 169 -3.27 10.54 11.95
N ASN A 170 -2.99 11.22 10.85
CA ASN A 170 -2.93 12.67 10.82
C ASN A 170 -3.07 13.06 9.37
N PHE A 171 -4.30 13.28 8.91
CA PHE A 171 -4.53 13.57 7.50
C PHE A 171 -4.44 15.08 7.30
N THR A 172 -3.51 15.52 6.46
CA THR A 172 -3.28 16.94 6.24
C THR A 172 -3.42 17.30 4.77
N ARG A 173 -4.53 17.93 4.39
CA ARG A 173 -4.67 18.42 3.03
C ARG A 173 -4.05 19.81 2.96
N LEU A 174 -2.97 19.95 2.18
CA LEU A 174 -2.19 21.17 2.18
C LEU A 174 -2.79 22.25 1.27
N ASN A 175 -3.33 21.83 0.14
CA ASN A 175 -3.99 22.75 -0.77
C ASN A 175 -4.92 21.99 -1.68
N GLU A 176 -5.20 22.54 -2.85
CA GLU A 176 -6.15 21.90 -3.75
C GLU A 176 -5.76 20.46 -4.03
N HIS A 177 -4.47 20.22 -4.27
CA HIS A 177 -4.03 18.92 -4.77
C HIS A 177 -3.12 18.12 -3.83
N ARG A 178 -2.30 18.79 -3.04
CA ARG A 178 -1.28 18.07 -2.28
C ARG A 178 -1.75 17.74 -0.88
N PHE A 179 -1.33 16.59 -0.38
CA PHE A 179 -1.80 16.14 0.92
C PHE A 179 -0.76 15.20 1.48
N ALA A 180 -0.67 15.15 2.81
CA ALA A 180 0.35 14.36 3.48
C ALA A 180 -0.34 13.60 4.61
N THR A 181 0.05 12.34 4.79
CA THR A 181 -0.59 11.49 5.79
C THR A 181 0.26 10.23 5.93
N PRO A 182 0.20 9.57 7.11
CA PRO A 182 0.84 8.26 7.17
C PRO A 182 0.09 7.33 6.23
N TYR A 183 0.81 6.37 5.63
CA TYR A 183 0.20 5.24 4.94
C TYR A 183 -0.47 5.52 3.59
N LEU A 184 0.05 6.49 2.84
CA LEU A 184 -0.26 6.53 1.42
C LEU A 184 0.25 5.22 0.82
N ASP A 185 1.34 4.71 1.37
CA ASP A 185 1.83 3.39 0.99
C ASP A 185 1.11 2.33 1.83
N ASP A 186 0.21 1.54 1.24
CA ASP A 186 -0.18 1.58 -0.17
C ASP A 186 -1.68 1.87 -0.28
N ARG A 187 -2.24 2.50 0.74
CA ARG A 187 -3.65 2.79 0.78
C ARG A 187 -4.09 3.75 -0.33
N ILE A 188 -3.17 4.60 -0.79
N ILE A 188 -3.16 4.58 -0.81
CA ILE A 188 -3.52 5.52 -1.87
CA ILE A 188 -3.50 5.52 -1.87
C ILE A 188 -3.75 4.76 -3.19
C ILE A 188 -3.70 4.80 -3.20
N CYS A 189 -2.92 3.74 -3.43
CA CYS A 189 -3.10 2.91 -4.64
C CYS A 189 -4.24 1.92 -4.50
N LEU A 190 -4.47 1.44 -3.29
CA LEU A 190 -5.61 0.58 -3.02
C LEU A 190 -6.88 1.38 -3.27
N TYR A 191 -6.87 2.64 -2.84
CA TYR A 191 -8.00 3.51 -3.12
C TYR A 191 -8.17 3.68 -4.63
N ALA A 192 -7.08 3.97 -5.33
CA ALA A 192 -7.17 4.19 -6.77
C ALA A 192 -7.65 2.94 -7.50
N MET A 193 -7.12 1.78 -7.11
CA MET A 193 -7.54 0.53 -7.74
C MET A 193 -9.02 0.26 -7.50
N ILE A 194 -9.47 0.54 -6.28
CA ILE A 194 -10.88 0.35 -5.92
C ILE A 194 -11.79 1.30 -6.70
N GLU A 195 -11.38 2.54 -6.89
CA GLU A 195 -12.19 3.48 -7.68
C GLU A 195 -12.24 3.07 -9.14
N ALA A 196 -11.11 2.63 -9.68
CA ALA A 196 -11.10 2.16 -11.06
C ALA A 196 -12.07 1.00 -11.19
N ALA A 197 -12.05 0.09 -10.21
CA ALA A 197 -12.93 -1.07 -10.22
C ALA A 197 -14.40 -0.67 -10.17
N ARG A 198 -14.71 0.34 -9.38
CA ARG A 198 -16.09 0.79 -9.25
C ARG A 198 -16.60 1.47 -10.51
N GLN A 199 -15.68 2.06 -11.26
CA GLN A 199 -16.03 2.79 -12.49
C GLN A 199 -15.90 1.91 -13.73
N LEU A 200 -15.39 0.70 -13.54
CA LEU A 200 -15.12 -0.20 -14.65
C LEU A 200 -16.37 -0.42 -15.50
N GLY A 201 -16.26 -0.15 -16.80
CA GLY A 201 -17.32 -0.43 -17.75
C GLY A 201 -17.16 -1.82 -18.38
N ASP A 202 -17.55 -1.98 -19.63
CA ASP A 202 -17.37 -3.26 -20.30
C ASP A 202 -15.89 -3.56 -20.48
N HIS A 203 -15.53 -4.84 -20.49
CA HIS A 203 -14.15 -5.25 -20.66
C HIS A 203 -14.07 -6.66 -21.22
N GLU A 204 -13.06 -6.91 -22.05
CA GLU A 204 -12.87 -8.24 -22.61
C GLU A 204 -12.07 -9.12 -21.65
N ALA A 205 -11.18 -8.50 -20.89
CA ALA A 205 -10.32 -9.27 -20.00
C ALA A 205 -11.09 -9.90 -18.85
N ASP A 206 -10.59 -11.04 -18.38
CA ASP A 206 -11.05 -11.69 -17.16
C ASP A 206 -10.23 -11.11 -16.00
N ILE A 207 -10.86 -10.30 -15.16
CA ILE A 207 -10.14 -9.44 -14.23
C ILE A 207 -10.26 -9.91 -12.79
N TYR A 208 -9.12 -10.03 -12.11
CA TYR A 208 -9.10 -10.24 -10.68
C TYR A 208 -8.48 -9.02 -10.00
N ILE A 209 -9.24 -8.38 -9.13
CA ILE A 209 -8.75 -7.23 -8.36
C ILE A 209 -8.41 -7.76 -6.97
N VAL A 210 -7.17 -7.60 -6.55
CA VAL A 210 -6.71 -8.22 -5.30
C VAL A 210 -6.22 -7.19 -4.30
N GLY A 211 -6.80 -7.19 -3.11
CA GLY A 211 -6.22 -6.46 -1.99
C GLY A 211 -5.27 -7.44 -1.32
N SER A 212 -3.96 -7.26 -1.52
CA SER A 212 -3.01 -8.26 -1.05
C SER A 212 -2.58 -8.00 0.40
N VAL A 213 -2.14 -9.06 1.06
CA VAL A 213 -1.64 -8.94 2.42
C VAL A 213 -0.14 -9.11 2.45
N GLN A 214 0.47 -8.61 3.51
CA GLN A 214 1.88 -8.85 3.83
C GLN A 214 2.85 -8.51 2.71
N GLU A 215 2.54 -7.47 1.94
CA GLU A 215 3.51 -6.99 0.96
C GLU A 215 4.75 -6.46 1.67
N GLU A 216 4.56 -5.82 2.83
CA GLU A 216 5.66 -5.09 3.46
C GLU A 216 6.64 -6.00 4.18
N VAL A 217 6.28 -7.28 4.31
CA VAL A 217 7.17 -8.25 4.93
C VAL A 217 7.58 -9.34 3.93
N GLY A 218 7.63 -9.00 2.65
CA GLY A 218 8.19 -9.90 1.65
C GLY A 218 7.23 -10.43 0.61
N LEU A 219 6.22 -9.64 0.27
CA LEU A 219 5.33 -9.91 -0.85
C LEU A 219 4.58 -11.23 -0.70
N ARG A 220 4.21 -11.55 0.53
CA ARG A 220 3.73 -12.91 0.79
C ARG A 220 2.30 -13.17 0.32
N GLY A 221 1.42 -12.18 0.48
CA GLY A 221 0.04 -12.39 0.04
C GLY A 221 -0.09 -12.48 -1.47
N ALA A 222 0.63 -11.62 -2.19
CA ALA A 222 0.53 -11.63 -3.64
C ALA A 222 1.08 -12.94 -4.19
N ARG A 223 2.02 -13.55 -3.46
CA ARG A 223 2.58 -14.81 -3.90
C ARG A 223 1.49 -15.90 -3.97
N VAL A 224 0.70 -16.04 -2.90
CA VAL A 224 -0.30 -17.09 -2.88
C VAL A 224 -1.52 -16.73 -3.71
N ALA A 225 -1.87 -15.44 -3.76
CA ALA A 225 -2.99 -15.01 -4.60
C ALA A 225 -2.69 -15.25 -6.08
N SER A 226 -1.47 -14.96 -6.52
CA SER A 226 -1.07 -15.22 -7.90
C SER A 226 -1.14 -16.72 -8.20
N TYR A 227 -0.74 -17.53 -7.24
CA TYR A 227 -0.76 -18.97 -7.45
C TYR A 227 -2.19 -19.46 -7.70
N ALA A 228 -3.12 -18.99 -6.88
CA ALA A 228 -4.50 -19.43 -6.96
C ALA A 228 -5.18 -18.88 -8.22
N ILE A 229 -4.90 -17.62 -8.55
CA ILE A 229 -5.56 -16.99 -9.70
C ILE A 229 -4.98 -17.48 -11.03
N ASN A 230 -3.67 -17.71 -11.04
CA ASN A 230 -2.95 -18.14 -12.22
C ASN A 230 -3.16 -17.17 -13.40
N PRO A 231 -2.85 -15.89 -13.20
CA PRO A 231 -3.10 -14.92 -14.27
C PRO A 231 -2.11 -15.05 -15.42
N GLU A 232 -2.48 -14.53 -16.59
CA GLU A 232 -1.54 -14.41 -17.71
C GLU A 232 -0.84 -13.06 -17.64
N VAL A 233 -1.54 -12.08 -17.08
CA VAL A 233 -1.07 -10.71 -16.98
C VAL A 233 -1.20 -10.26 -15.53
N GLY A 234 -0.22 -9.50 -15.06
CA GLY A 234 -0.24 -9.02 -13.68
C GLY A 234 0.17 -7.57 -13.57
N ILE A 235 -0.60 -6.77 -12.85
CA ILE A 235 -0.19 -5.39 -12.58
C ILE A 235 -0.22 -5.11 -11.10
N ALA A 236 0.90 -4.65 -10.55
CA ALA A 236 0.96 -4.22 -9.18
C ALA A 236 0.75 -2.71 -9.12
N MET A 237 -0.12 -2.27 -8.22
CA MET A 237 -0.30 -0.86 -7.98
C MET A 237 0.28 -0.59 -6.60
N ASP A 238 1.43 0.07 -6.57
CA ASP A 238 2.10 0.42 -5.32
C ASP A 238 2.63 1.83 -5.49
N VAL A 239 3.05 2.47 -4.41
CA VAL A 239 3.58 3.82 -4.56
C VAL A 239 5.03 3.76 -4.99
N THR A 240 5.57 4.86 -5.51
CA THR A 240 6.99 4.92 -5.77
C THR A 240 7.57 6.25 -5.28
N PHE A 241 8.90 6.36 -5.32
CA PHE A 241 9.59 7.55 -4.83
C PHE A 241 9.45 8.71 -5.81
N ALA A 242 9.17 9.89 -5.27
CA ALA A 242 9.13 11.10 -6.09
C ALA A 242 10.27 12.03 -5.74
N LYS A 243 10.65 12.87 -6.69
CA LYS A 243 11.65 13.91 -6.47
C LYS A 243 11.31 14.69 -5.21
N GLN A 244 12.32 14.94 -4.37
CA GLN A 244 12.12 15.58 -3.07
C GLN A 244 13.47 16.14 -2.61
N PRO A 245 13.48 16.92 -1.51
CA PRO A 245 14.76 17.50 -1.09
C PRO A 245 15.80 16.42 -0.75
N HIS A 246 17.05 16.73 -1.04
CA HIS A 246 18.21 15.89 -0.70
C HIS A 246 18.25 14.58 -1.44
N ASP A 247 17.56 14.49 -2.58
CA ASP A 247 17.57 13.25 -3.35
C ASP A 247 18.70 13.22 -4.37
N LYS A 248 19.47 14.30 -4.41
CA LYS A 248 20.64 14.42 -5.28
C LYS A 248 20.34 14.31 -6.78
N GLY A 249 19.08 14.55 -7.15
CA GLY A 249 18.68 14.54 -8.54
C GLY A 249 18.53 13.14 -9.12
N LYS A 250 18.49 12.14 -8.26
CA LYS A 250 18.51 10.74 -8.68
C LYS A 250 17.13 10.14 -8.91
N ILE A 251 16.10 10.84 -8.48
CA ILE A 251 14.74 10.30 -8.62
C ILE A 251 14.06 10.92 -9.82
N VAL A 252 13.53 10.08 -10.71
CA VAL A 252 12.95 10.55 -11.95
C VAL A 252 11.50 11.05 -11.82
N PRO A 253 10.63 10.24 -11.20
CA PRO A 253 9.22 10.68 -11.14
C PRO A 253 9.03 11.93 -10.27
N GLU A 254 8.05 12.76 -10.62
CA GLU A 254 7.77 13.96 -9.84
C GLU A 254 6.29 14.05 -9.50
N LEU A 255 6.00 14.64 -8.36
CA LEU A 255 4.62 14.88 -7.97
C LEU A 255 3.94 15.72 -9.04
N GLY A 256 2.72 15.32 -9.42
CA GLY A 256 1.91 16.11 -10.31
C GLY A 256 2.15 15.85 -11.79
N LYS A 257 3.07 14.94 -12.10
CA LYS A 257 3.33 14.65 -13.51
C LYS A 257 2.72 13.33 -13.95
N GLY A 258 1.87 12.76 -13.11
CA GLY A 258 1.07 11.62 -13.51
C GLY A 258 1.47 10.31 -12.86
N PRO A 259 0.71 9.24 -13.15
CA PRO A 259 1.09 7.90 -12.72
C PRO A 259 2.46 7.54 -13.28
N VAL A 260 3.11 6.59 -12.62
CA VAL A 260 4.42 6.13 -13.04
C VAL A 260 4.35 4.68 -13.46
N MET A 261 4.98 4.32 -14.57
CA MET A 261 5.13 2.92 -14.91
C MET A 261 6.59 2.58 -15.18
N ASP A 262 7.12 1.69 -14.34
CA ASP A 262 8.51 1.22 -14.46
C ASP A 262 8.83 0.64 -15.82
N VAL A 263 10.12 0.64 -16.16
CA VAL A 263 10.64 -0.19 -17.22
C VAL A 263 11.81 -0.98 -16.63
N GLY A 264 12.05 -2.18 -17.15
CA GLY A 264 13.12 -3.01 -16.62
C GLY A 264 12.75 -4.49 -16.64
N PRO A 265 13.59 -5.34 -16.04
CA PRO A 265 13.43 -6.79 -16.09
C PRO A 265 12.09 -7.29 -15.53
N ASN A 266 11.51 -6.59 -14.56
CA ASN A 266 10.24 -7.01 -13.97
C ASN A 266 9.08 -6.66 -14.88
N ILE A 267 9.37 -5.96 -15.97
CA ILE A 267 8.32 -5.31 -16.75
C ILE A 267 8.24 -5.87 -18.18
N ASN A 268 7.17 -6.58 -18.48
CA ASN A 268 6.99 -7.15 -19.81
C ASN A 268 6.93 -6.05 -20.86
N PRO A 269 7.76 -6.14 -21.89
CA PRO A 269 7.90 -5.07 -22.90
C PRO A 269 6.60 -4.86 -23.69
N LYS A 270 5.91 -5.93 -24.05
CA LYS A 270 4.68 -5.79 -24.82
C LYS A 270 3.58 -5.13 -23.98
N LEU A 271 3.44 -5.58 -22.74
CA LEU A 271 2.45 -5.00 -21.85
C LEU A 271 2.74 -3.53 -21.59
N ARG A 272 4.02 -3.19 -21.45
CA ARG A 272 4.43 -1.83 -21.12
C ARG A 272 4.22 -0.90 -22.33
N ALA A 273 4.43 -1.43 -23.54
CA ALA A 273 4.15 -0.71 -24.76
C ALA A 273 2.65 -0.47 -24.93
N PHE A 274 1.87 -1.51 -24.64
CA PHE A 274 0.41 -1.40 -24.64
C PHE A 274 -0.04 -0.28 -23.69
N ALA A 275 0.56 -0.22 -22.51
CA ALA A 275 0.24 0.82 -21.55
C ALA A 275 0.53 2.23 -22.08
N ASP A 276 1.65 2.40 -22.76
CA ASP A 276 1.95 3.68 -23.44
C ASP A 276 0.88 4.07 -24.45
N GLU A 277 0.48 3.12 -25.29
CA GLU A 277 -0.56 3.37 -26.31
C GLU A 277 -1.86 3.79 -25.65
N VAL A 278 -2.24 3.12 -24.57
CA VAL A 278 -3.45 3.48 -23.85
C VAL A 278 -3.34 4.85 -23.24
N ALA A 279 -2.21 5.15 -22.59
CA ALA A 279 -2.03 6.46 -22.01
C ALA A 279 -2.12 7.56 -23.08
N LYS A 280 -1.56 7.29 -24.25
CA LYS A 280 -1.60 8.29 -25.31
C LYS A 280 -3.03 8.46 -25.81
N LYS A 281 -3.73 7.34 -26.02
CA LYS A 281 -5.12 7.38 -26.49
C LYS A 281 -6.02 8.20 -25.56
N TYR A 282 -5.91 7.98 -24.26
CA TYR A 282 -6.75 8.70 -23.29
C TYR A 282 -6.11 10.01 -22.82
N GLU A 283 -4.98 10.37 -23.42
CA GLU A 283 -4.27 11.60 -23.08
C GLU A 283 -3.96 11.71 -21.58
N ILE A 284 -3.47 10.61 -21.01
CA ILE A 284 -3.08 10.59 -19.60
C ILE A 284 -1.57 10.71 -19.51
N PRO A 285 -1.08 11.70 -18.74
CA PRO A 285 0.38 11.83 -18.58
C PRO A 285 0.95 10.61 -17.89
N LEU A 286 2.06 10.09 -18.40
CA LEU A 286 2.62 8.85 -17.87
C LEU A 286 4.12 8.99 -17.70
N GLN A 287 4.60 8.82 -16.47
CA GLN A 287 6.03 8.94 -16.19
C GLN A 287 6.70 7.58 -16.29
N VAL A 288 8.00 7.61 -16.53
CA VAL A 288 8.80 6.39 -16.62
C VAL A 288 9.75 6.33 -15.44
N GLU A 289 9.78 5.17 -14.77
CA GLU A 289 10.77 4.93 -13.73
C GLU A 289 11.72 3.81 -14.19
N PRO A 290 13.04 4.07 -14.17
CA PRO A 290 13.96 2.99 -14.51
C PRO A 290 14.14 2.05 -13.32
N SER A 291 13.75 0.78 -13.46
CA SER A 291 13.95 -0.21 -12.41
C SER A 291 14.81 -1.38 -12.91
N PRO A 292 16.12 -1.31 -12.64
CA PRO A 292 17.06 -2.31 -13.17
C PRO A 292 16.99 -3.65 -12.43
N ARG A 293 16.31 -3.67 -11.29
CA ARG A 293 16.16 -4.89 -10.51
C ARG A 293 14.69 -5.34 -10.47
N PRO A 294 14.46 -6.64 -10.21
CA PRO A 294 13.10 -7.05 -9.86
C PRO A 294 12.59 -6.11 -8.79
N THR A 295 11.36 -5.67 -8.91
CA THR A 295 10.88 -4.57 -8.08
C THR A 295 10.62 -4.99 -6.65
N GLY A 296 10.48 -4.02 -5.76
CA GLY A 296 10.04 -4.30 -4.41
C GLY A 296 8.54 -4.13 -4.31
N THR A 297 7.81 -4.75 -5.23
CA THR A 297 6.36 -4.66 -5.23
C THR A 297 5.81 -6.03 -5.49
N ASP A 298 4.49 -6.17 -5.41
CA ASP A 298 3.84 -7.45 -5.66
C ASP A 298 4.13 -8.01 -7.07
N ALA A 299 4.52 -7.14 -7.99
CA ALA A 299 4.78 -7.58 -9.36
C ALA A 299 5.99 -8.51 -9.43
N ASN A 300 6.86 -8.40 -8.43
CA ASN A 300 8.03 -9.26 -8.33
C ASN A 300 7.60 -10.72 -8.27
N VAL A 301 6.74 -11.04 -7.31
CA VAL A 301 6.28 -12.42 -7.16
C VAL A 301 5.24 -12.84 -8.19
N MET A 302 4.46 -11.89 -8.70
CA MET A 302 3.52 -12.25 -9.75
C MET A 302 4.25 -12.72 -10.99
N GLN A 303 5.35 -12.04 -11.33
CA GLN A 303 6.05 -12.36 -12.57
C GLN A 303 6.59 -13.78 -12.59
N ILE A 304 7.10 -14.24 -11.46
CA ILE A 304 7.69 -15.57 -11.41
C ILE A 304 6.70 -16.62 -10.88
N ASN A 305 5.42 -16.28 -10.90
CA ASN A 305 4.38 -17.22 -10.52
C ASN A 305 4.21 -18.35 -11.54
N LYS A 306 4.23 -19.59 -11.06
CA LYS A 306 3.93 -20.76 -11.89
C LYS A 306 4.72 -20.73 -13.20
N GLU A 307 4.04 -20.67 -14.35
CA GLU A 307 4.76 -20.70 -15.62
C GLU A 307 5.26 -19.34 -16.11
N GLY A 308 5.03 -18.31 -15.29
CA GLY A 308 5.44 -16.96 -15.62
C GLY A 308 4.27 -16.11 -16.07
N VAL A 309 4.34 -14.82 -15.75
CA VAL A 309 3.25 -13.88 -15.96
C VAL A 309 3.80 -12.61 -16.61
N ALA A 310 3.07 -12.04 -17.57
CA ALA A 310 3.44 -10.75 -18.12
C ALA A 310 3.07 -9.67 -17.13
N THR A 311 4.05 -8.94 -16.62
CA THR A 311 3.79 -8.03 -15.50
C THR A 311 4.21 -6.60 -15.77
N ALA A 312 3.59 -5.69 -15.05
CA ALA A 312 3.97 -4.29 -15.08
C ALA A 312 3.63 -3.68 -13.75
N VAL A 313 4.17 -2.50 -13.49
CA VAL A 313 3.91 -1.80 -12.24
C VAL A 313 3.31 -0.46 -12.59
N LEU A 314 2.25 -0.10 -11.88
CA LEU A 314 1.56 1.18 -12.09
C LEU A 314 1.57 1.85 -10.73
N SER A 315 2.26 2.98 -10.63
CA SER A 315 2.53 3.59 -9.34
C SER A 315 2.08 5.04 -9.20
N ILE A 316 1.76 5.41 -7.97
CA ILE A 316 1.54 6.81 -7.63
C ILE A 316 2.82 7.31 -6.93
N PRO A 317 3.39 8.40 -7.46
CA PRO A 317 4.59 8.92 -6.84
C PRO A 317 4.27 9.63 -5.54
N ILE A 318 5.07 9.38 -4.51
CA ILE A 318 4.92 10.08 -3.25
C ILE A 318 6.29 10.48 -2.72
N ARG A 319 6.31 11.51 -1.89
CA ARG A 319 7.54 11.87 -1.15
C ARG A 319 7.51 11.25 0.23
N TYR A 320 8.70 11.08 0.83
CA TYR A 320 8.84 10.69 2.23
C TYR A 320 8.28 9.30 2.54
N MET A 321 8.47 8.37 1.61
CA MET A 321 7.95 7.01 1.80
C MET A 321 8.34 6.40 3.14
N HIS A 322 7.40 5.65 3.71
CA HIS A 322 7.56 4.95 4.97
C HIS A 322 7.71 5.86 6.17
N SER A 323 7.07 7.02 6.13
CA SER A 323 7.10 7.92 7.27
C SER A 323 5.70 8.44 7.47
N GLN A 324 5.53 9.24 8.52
CA GLN A 324 4.23 9.76 8.87
C GLN A 324 3.79 10.91 7.97
N VAL A 325 4.66 11.37 7.08
CA VAL A 325 4.33 12.53 6.27
C VAL A 325 4.39 12.26 4.77
N GLU A 326 4.17 11.00 4.39
CA GLU A 326 4.09 10.64 2.99
C GLU A 326 3.18 11.65 2.29
N LEU A 327 3.62 12.13 1.14
CA LEU A 327 2.97 13.27 0.52
C LEU A 327 2.74 13.01 -0.97
N ALA A 328 1.51 13.22 -1.41
CA ALA A 328 1.15 12.95 -2.80
C ALA A 328 0.37 14.11 -3.37
N ASP A 329 0.07 13.99 -4.66
CA ASP A 329 -0.65 15.02 -5.39
C ASP A 329 -1.90 14.36 -5.97
N ALA A 330 -3.08 14.89 -5.61
CA ALA A 330 -4.34 14.28 -6.03
C ALA A 330 -4.55 14.23 -7.56
N ARG A 331 -3.82 15.05 -8.30
CA ARG A 331 -3.91 14.99 -9.76
C ARG A 331 -3.34 13.66 -10.24
N ASP A 332 -2.29 13.20 -9.57
CA ASP A 332 -1.69 11.92 -9.90
C ASP A 332 -2.62 10.77 -9.57
N VAL A 333 -3.32 10.88 -8.44
CA VAL A 333 -4.26 9.84 -8.03
C VAL A 333 -5.39 9.71 -9.05
N ASP A 334 -5.94 10.86 -9.44
CA ASP A 334 -6.99 10.92 -10.43
C ASP A 334 -6.55 10.26 -11.73
N ASN A 335 -5.36 10.62 -12.19
CA ASN A 335 -4.86 10.09 -13.45
C ASN A 335 -4.52 8.62 -13.35
N THR A 336 -4.14 8.17 -12.16
CA THR A 336 -3.90 6.73 -11.94
C THR A 336 -5.22 5.95 -12.01
N ILE A 337 -6.27 6.50 -11.41
CA ILE A 337 -7.58 5.86 -11.53
C ILE A 337 -7.97 5.75 -12.99
N LYS A 338 -7.77 6.84 -13.72
CA LYS A 338 -8.18 6.88 -15.13
C LYS A 338 -7.39 5.87 -15.97
N LEU A 339 -6.09 5.76 -15.68
CA LEU A 339 -5.22 4.88 -16.47
C LEU A 339 -5.51 3.42 -16.14
N ALA A 340 -5.69 3.11 -14.85
CA ALA A 340 -6.03 1.72 -14.49
C ALA A 340 -7.34 1.27 -15.15
N LYS A 341 -8.34 2.13 -15.15
CA LYS A 341 -9.63 1.81 -15.74
C LYS A 341 -9.48 1.57 -17.24
N ALA A 342 -8.67 2.41 -17.89
CA ALA A 342 -8.51 2.33 -19.34
C ALA A 342 -7.70 1.09 -19.73
N LEU A 343 -6.66 0.77 -18.98
CA LEU A 343 -5.90 -0.44 -19.26
C LEU A 343 -6.82 -1.66 -19.16
N LEU A 344 -7.63 -1.73 -18.11
CA LEU A 344 -8.50 -2.88 -17.89
C LEU A 344 -9.55 -2.97 -18.99
N GLU A 345 -10.08 -1.84 -19.42
CA GLU A 345 -11.07 -1.82 -20.48
C GLU A 345 -10.49 -2.06 -21.88
N GLU A 346 -9.23 -1.69 -22.10
CA GLU A 346 -8.64 -1.82 -23.44
C GLU A 346 -7.94 -3.17 -23.61
N LEU A 347 -7.58 -3.80 -22.50
CA LEU A 347 -6.80 -5.02 -22.56
C LEU A 347 -7.54 -6.05 -23.40
N LYS A 348 -6.80 -6.73 -24.28
CA LYS A 348 -7.36 -7.76 -25.13
C LYS A 348 -6.30 -8.80 -25.37
N PRO A 349 -6.68 -9.98 -25.86
CA PRO A 349 -5.66 -10.98 -26.15
C PRO A 349 -4.56 -10.42 -27.06
N MET A 350 -3.32 -10.68 -26.69
CA MET A 350 -2.18 -10.28 -27.48
C MET A 350 -1.03 -11.19 -27.09
N ASP A 351 0.03 -11.16 -27.87
CA ASP A 351 1.19 -12.02 -27.62
C ASP A 351 2.14 -11.26 -26.72
N PHE A 352 2.35 -11.76 -25.50
CA PHE A 352 3.24 -11.07 -24.57
C PHE A 352 4.67 -11.55 -24.63
N THR A 353 4.95 -12.51 -25.50
CA THR A 353 6.30 -13.05 -25.59
C THR A 353 7.27 -11.91 -25.91
N PRO A 354 8.30 -11.76 -25.08
CA PRO A 354 9.22 -10.62 -25.22
C PRO A 354 9.70 -10.42 -26.67
C1 GOL B . -4.65 -8.70 17.16
O1 GOL B . -4.28 -10.05 17.41
C2 GOL B . -4.06 -7.83 18.27
O2 GOL B . -3.15 -8.58 19.04
C3 GOL B . -3.29 -6.69 17.61
O3 GOL B . -2.59 -6.03 18.64
C1 GOL C . -8.30 23.31 -0.19
O1 GOL C . -9.32 23.01 -1.11
C2 GOL C . -8.73 22.87 1.21
O2 GOL C . -9.71 21.85 1.13
C3 GOL C . -7.51 22.35 1.97
O3 GOL C . -6.62 23.42 2.18
ZN ZN D . 6.08 0.14 1.69
ZN ZN E . 3.85 -0.40 -0.89
CL CL F . 5.79 -1.12 -0.34
CL CL G . -6.23 -22.54 -14.65
#